data_6SKX
#
_entry.id   6SKX
#
_cell.length_a   114.000
_cell.length_b   114.000
_cell.length_c   60.000
_cell.angle_alpha   90.000
_cell.angle_beta   90.000
_cell.angle_gamma   120.000
#
_symmetry.space_group_name_H-M   'P 32 2 1'
#
loop_
_entity.id
_entity.type
_entity.pdbx_description
1 polymer 'Oxidoreductase, putative'
2 water water
#
_entity_poly.entity_id   1
_entity_poly.type   'polypeptide(L)'
_entity_poly.pdbx_seq_one_letter_code
;MSSVSIFGLGAMGTALASRFLEEKYKVAVWNRSPEKASSLLGKGATLSHTAVDGINASDLIIICLLDNAAVEATLAGALD
HLHGKTIINLTNGTPDQARKLSDRFVSHGARYVHGGIMATPSMIGSPYALVLYSGSPDAFKAAEGDLSVLAKCVFLGEDA
GTASLHDLALLSGMYGLFSGFLHATALVRSSTPAVKFMDLLVPWLGAMTEYTKGMAKQIDEGKYTSEGSNLAMQLVGIQN
IIDASEAQQVSAEFIRPMKEFMQKAVAAGHGGDDISSLIDFVKST
;
_entity_poly.pdbx_strand_id   A
#
# COMPACT_ATOMS: atom_id res chain seq x y z
N MET A 1 -24.08 -6.32 -18.61
CA MET A 1 -24.09 -7.79 -18.33
C MET A 1 -23.95 -8.08 -16.81
N SER A 2 -22.94 -7.55 -16.12
CA SER A 2 -22.86 -7.72 -14.63
C SER A 2 -22.83 -6.35 -13.95
N SER A 3 -22.90 -6.32 -12.62
CA SER A 3 -22.97 -5.04 -11.90
C SER A 3 -21.94 -4.94 -10.78
N VAL A 4 -21.79 -3.73 -10.24
CA VAL A 4 -20.87 -3.41 -9.13
C VAL A 4 -21.37 -2.12 -8.47
N SER A 5 -21.10 -1.93 -7.18
CA SER A 5 -21.47 -0.68 -6.47
C SER A 5 -20.23 -0.16 -5.73
N ILE A 6 -19.81 1.08 -5.97
CA ILE A 6 -18.54 1.64 -5.44
C ILE A 6 -18.88 2.69 -4.37
N PHE A 7 -18.19 2.67 -3.24
CA PHE A 7 -18.27 3.74 -2.22
C PHE A 7 -16.97 4.53 -2.21
N GLY A 8 -17.04 5.78 -2.68
CA GLY A 8 -15.88 6.71 -2.67
C GLY A 8 -15.40 7.10 -4.05
N LEU A 9 -15.45 8.41 -4.35
CA LEU A 9 -14.99 9.00 -5.63
C LEU A 9 -13.89 10.05 -5.39
N GLY A 10 -13.00 9.86 -4.39
CA GLY A 10 -11.64 10.44 -4.42
C GLY A 10 -10.91 10.00 -5.71
N ALA A 11 -9.61 10.28 -5.81
CA ALA A 11 -8.80 9.96 -7.01
C ALA A 11 -8.79 8.45 -7.29
N MET A 12 -8.56 7.62 -6.27
CA MET A 12 -8.50 6.15 -6.45
C MET A 12 -9.91 5.61 -6.81
N GLY A 13 -10.96 6.03 -6.11
CA GLY A 13 -12.33 5.49 -6.33
C GLY A 13 -12.82 5.82 -7.74
N THR A 14 -12.54 7.05 -8.20
CA THR A 14 -12.84 7.57 -9.57
C THR A 14 -12.16 6.67 -10.59
N ALA A 15 -10.89 6.31 -10.38
CA ALA A 15 -10.18 5.36 -11.27
C ALA A 15 -10.83 3.97 -11.26
N LEU A 16 -11.28 3.43 -10.11
CA LEU A 16 -11.93 2.09 -10.09
C LEU A 16 -13.25 2.15 -10.87
N ALA A 17 -14.06 3.19 -10.67
CA ALA A 17 -15.38 3.31 -11.32
C ALA A 17 -15.22 3.50 -12.84
N SER A 18 -14.34 4.41 -13.29
CA SER A 18 -14.00 4.63 -14.72
C SER A 18 -13.71 3.30 -15.40
N ARG A 19 -12.80 2.56 -14.79
CA ARG A 19 -12.35 1.25 -15.32
C ARG A 19 -13.53 0.26 -15.40
N PHE A 20 -14.38 0.13 -14.36
CA PHE A 20 -15.56 -0.76 -14.47
C PHE A 20 -16.47 -0.30 -15.62
N LEU A 21 -16.64 1.01 -15.80
CA LEU A 21 -17.51 1.57 -16.88
C LEU A 21 -16.89 1.34 -18.28
N GLU A 22 -15.58 1.45 -18.46
CA GLU A 22 -14.90 1.11 -19.76
C GLU A 22 -15.17 -0.37 -20.10
N GLU A 23 -15.15 -1.26 -19.10
CA GLU A 23 -15.29 -2.72 -19.28
C GLU A 23 -16.77 -3.12 -19.31
N LYS A 24 -17.68 -2.15 -19.44
CA LYS A 24 -19.12 -2.30 -19.78
C LYS A 24 -19.90 -2.91 -18.59
N TYR A 25 -19.52 -2.57 -17.36
CA TYR A 25 -20.27 -3.07 -16.19
C TYR A 25 -21.36 -2.06 -15.85
N LYS A 26 -22.40 -2.49 -15.16
CA LYS A 26 -23.43 -1.58 -14.64
C LYS A 26 -22.82 -1.06 -13.32
N VAL A 27 -22.71 0.25 -13.14
CA VAL A 27 -21.90 0.79 -12.01
C VAL A 27 -22.71 1.84 -11.25
N ALA A 28 -22.90 1.61 -9.95
CA ALA A 28 -23.48 2.56 -8.98
C ALA A 28 -22.31 3.21 -8.23
N VAL A 29 -22.42 4.50 -7.93
CA VAL A 29 -21.35 5.23 -7.21
C VAL A 29 -21.95 6.04 -6.05
N TRP A 30 -21.29 5.97 -4.91
CA TRP A 30 -21.55 6.84 -3.73
C TRP A 30 -20.36 7.81 -3.60
N ASN A 31 -20.70 9.09 -3.67
CA ASN A 31 -19.80 10.27 -3.77
C ASN A 31 -20.00 11.13 -2.52
N ARG A 32 -18.96 11.30 -1.69
CA ARG A 32 -18.98 12.15 -0.46
C ARG A 32 -19.33 13.60 -0.80
N SER A 33 -18.96 14.11 -1.99
CA SER A 33 -19.00 15.55 -2.34
C SER A 33 -19.54 15.73 -3.75
N PRO A 34 -20.83 15.39 -3.99
CA PRO A 34 -21.38 15.46 -5.34
C PRO A 34 -21.46 16.89 -5.88
N GLU A 35 -21.30 17.90 -5.02
CA GLU A 35 -21.47 19.34 -5.36
C GLU A 35 -20.23 19.82 -6.12
N LYS A 36 -19.06 19.20 -5.89
CA LYS A 36 -17.74 19.67 -6.38
C LYS A 36 -16.97 18.56 -7.14
N ALA A 37 -17.14 17.28 -6.82
CA ALA A 37 -16.48 16.16 -7.56
C ALA A 37 -17.46 15.46 -8.53
N SER A 38 -16.98 15.11 -9.73
CA SER A 38 -17.73 14.38 -10.77
C SER A 38 -18.35 13.10 -10.20
N SER A 39 -19.58 12.78 -10.55
CA SER A 39 -20.20 11.46 -10.25
C SER A 39 -20.15 10.56 -11.50
N LEU A 40 -19.34 10.92 -12.52
CA LEU A 40 -19.07 10.12 -13.74
C LEU A 40 -20.39 9.82 -14.48
N LEU A 41 -21.33 10.76 -14.43
CA LEU A 41 -22.65 10.62 -15.06
C LEU A 41 -22.44 10.41 -16.57
N GLY A 42 -21.60 11.24 -17.19
CA GLY A 42 -21.31 11.18 -18.62
C GLY A 42 -20.91 9.78 -19.12
N LYS A 43 -20.15 9.03 -18.33
CA LYS A 43 -19.64 7.70 -18.72
C LYS A 43 -20.66 6.60 -18.36
N GLY A 44 -21.79 6.94 -17.70
CA GLY A 44 -22.92 6.03 -17.44
C GLY A 44 -23.09 5.59 -15.98
N ALA A 45 -22.34 6.12 -15.02
CA ALA A 45 -22.53 5.77 -13.59
C ALA A 45 -23.87 6.32 -13.09
N THR A 46 -24.48 5.64 -12.12
CA THR A 46 -25.75 6.04 -11.45
C THR A 46 -25.46 6.47 -10.00
N LEU A 47 -25.88 7.67 -9.60
CA LEU A 47 -25.56 8.21 -8.25
C LEU A 47 -26.40 7.52 -7.18
N SER A 48 -25.78 6.97 -6.14
CA SER A 48 -26.44 6.44 -4.92
C SER A 48 -26.68 7.60 -3.95
N HIS A 49 -27.93 8.05 -3.82
CA HIS A 49 -28.36 9.20 -2.98
C HIS A 49 -28.19 8.89 -1.49
N THR A 50 -28.26 7.62 -1.05
CA THR A 50 -27.96 7.22 0.35
C THR A 50 -27.05 5.99 0.33
N ALA A 51 -26.44 5.67 1.47
CA ALA A 51 -25.67 4.42 1.65
C ALA A 51 -26.55 3.18 1.47
N VAL A 52 -27.81 3.21 1.90
CA VAL A 52 -28.78 2.08 1.72
C VAL A 52 -28.93 1.77 0.22
N ASP A 53 -29.20 2.78 -0.62
CA ASP A 53 -29.29 2.65 -2.10
C ASP A 53 -28.02 2.01 -2.67
N GLY A 54 -26.85 2.41 -2.16
CA GLY A 54 -25.54 1.92 -2.62
C GLY A 54 -25.39 0.44 -2.35
N ILE A 55 -25.81 0.00 -1.15
CA ILE A 55 -25.83 -1.44 -0.74
C ILE A 55 -26.87 -2.19 -1.59
N ASN A 56 -28.05 -1.60 -1.87
CA ASN A 56 -29.07 -2.32 -2.68
C ASN A 56 -28.75 -2.30 -4.18
N ALA A 57 -27.83 -1.47 -4.65
CA ALA A 57 -27.55 -1.37 -6.10
C ALA A 57 -26.86 -2.61 -6.65
N SER A 58 -26.18 -3.38 -5.82
CA SER A 58 -25.46 -4.59 -6.29
C SER A 58 -25.14 -5.53 -5.13
N ASP A 59 -24.94 -6.80 -5.43
CA ASP A 59 -24.43 -7.75 -4.42
C ASP A 59 -22.90 -7.60 -4.23
N LEU A 60 -22.21 -6.99 -5.20
CA LEU A 60 -20.75 -6.76 -5.12
C LEU A 60 -20.51 -5.27 -4.80
N ILE A 61 -20.02 -5.01 -3.60
CA ILE A 61 -19.79 -3.67 -3.04
C ILE A 61 -18.28 -3.47 -2.87
N ILE A 62 -17.69 -2.47 -3.54
CA ILE A 62 -16.24 -2.14 -3.50
C ILE A 62 -16.11 -0.82 -2.73
N ILE A 63 -15.41 -0.84 -1.62
CA ILE A 63 -15.29 0.36 -0.76
C ILE A 63 -13.88 0.90 -0.91
N CYS A 64 -13.77 2.21 -1.17
CA CYS A 64 -12.49 2.94 -1.27
C CYS A 64 -12.67 4.33 -0.65
N LEU A 65 -12.58 4.42 0.69
CA LEU A 65 -12.80 5.69 1.45
C LEU A 65 -11.49 6.09 2.15
N LEU A 66 -11.44 7.25 2.84
CA LEU A 66 -10.16 7.79 3.37
C LEU A 66 -9.64 6.90 4.51
N ASP A 67 -10.50 6.41 5.41
CA ASP A 67 -10.05 5.59 6.59
C ASP A 67 -11.17 4.66 7.06
N ASN A 68 -10.83 3.71 7.95
CA ASN A 68 -11.75 2.61 8.34
C ASN A 68 -12.86 3.18 9.23
N ALA A 69 -12.61 4.30 9.91
CA ALA A 69 -13.63 5.07 10.66
C ALA A 69 -14.68 5.65 9.70
N ALA A 70 -14.27 6.11 8.52
CA ALA A 70 -15.22 6.69 7.54
C ALA A 70 -16.06 5.55 6.94
N VAL A 71 -15.51 4.33 6.85
CA VAL A 71 -16.29 3.12 6.43
C VAL A 71 -17.45 2.89 7.43
N GLU A 72 -17.18 2.90 8.75
CA GLU A 72 -18.17 2.59 9.82
C GLU A 72 -19.26 3.66 9.87
N ALA A 73 -18.86 4.93 9.81
CA ALA A 73 -19.76 6.10 9.78
C ALA A 73 -20.63 6.08 8.52
N THR A 74 -20.07 5.80 7.33
CA THR A 74 -20.87 5.85 6.07
C THR A 74 -21.97 4.78 6.05
N LEU A 75 -21.69 3.59 6.59
CA LEU A 75 -22.59 2.43 6.49
C LEU A 75 -23.43 2.21 7.77
N ALA A 76 -23.25 3.04 8.81
CA ALA A 76 -23.90 2.89 10.16
C ALA A 76 -25.42 2.78 10.05
N GLY A 77 -26.06 3.50 9.13
CA GLY A 77 -27.53 3.49 8.95
C GLY A 77 -28.02 2.42 7.96
N ALA A 78 -27.21 1.41 7.62
CA ALA A 78 -27.53 0.45 6.53
C ALA A 78 -27.12 -0.99 6.87
N LEU A 79 -26.73 -1.28 8.10
CA LEU A 79 -26.25 -2.63 8.50
C LEU A 79 -27.32 -3.69 8.20
N ASP A 80 -28.61 -3.34 8.26
CA ASP A 80 -29.76 -4.27 8.03
C ASP A 80 -29.84 -4.72 6.56
N HIS A 81 -29.06 -4.12 5.62
CA HIS A 81 -29.21 -4.44 4.17
C HIS A 81 -28.08 -5.35 3.68
N LEU A 82 -27.17 -5.75 4.58
CA LEU A 82 -25.90 -6.46 4.24
C LEU A 82 -26.08 -7.95 3.97
N HIS A 83 -27.22 -8.56 4.32
CA HIS A 83 -27.41 -10.04 4.24
C HIS A 83 -27.18 -10.48 2.78
N GLY A 84 -26.33 -11.49 2.57
CA GLY A 84 -25.99 -12.07 1.25
C GLY A 84 -25.11 -11.14 0.39
N LYS A 85 -24.61 -10.00 0.89
CA LYS A 85 -23.68 -9.12 0.14
C LYS A 85 -22.24 -9.61 0.25
N THR A 86 -21.44 -9.35 -0.78
CA THR A 86 -19.98 -9.54 -0.77
C THR A 86 -19.30 -8.16 -0.71
N ILE A 87 -18.54 -7.91 0.35
CA ILE A 87 -17.87 -6.61 0.57
C ILE A 87 -16.38 -6.78 0.27
N ILE A 88 -15.87 -5.92 -0.62
CA ILE A 88 -14.42 -5.81 -0.89
C ILE A 88 -13.98 -4.45 -0.36
N ASN A 89 -13.27 -4.42 0.77
CA ASN A 89 -12.82 -3.14 1.37
C ASN A 89 -11.33 -2.88 1.00
N LEU A 90 -11.08 -1.87 0.16
CA LEU A 90 -9.72 -1.44 -0.35
C LEU A 90 -9.23 -0.18 0.39
N THR A 91 -9.98 0.24 1.41
CA THR A 91 -9.60 1.34 2.34
C THR A 91 -8.32 1.00 3.13
N ASN A 92 -7.35 1.91 3.09
CA ASN A 92 -6.04 1.81 3.81
C ASN A 92 -6.32 1.78 5.31
N GLY A 93 -5.75 0.81 6.03
CA GLY A 93 -5.64 0.86 7.50
C GLY A 93 -4.80 -0.29 8.03
N THR A 94 -4.96 -0.61 9.31
CA THR A 94 -4.16 -1.65 10.04
C THR A 94 -4.85 -3.01 10.01
N PRO A 95 -4.08 -4.10 10.16
CA PRO A 95 -4.66 -5.44 10.29
C PRO A 95 -5.76 -5.56 11.36
N ASP A 96 -5.59 -4.91 12.50
CA ASP A 96 -6.61 -4.99 13.57
C ASP A 96 -7.92 -4.38 13.07
N GLN A 97 -7.89 -3.19 12.48
CA GLN A 97 -9.10 -2.51 11.95
C GLN A 97 -9.87 -3.45 10.97
N ALA A 98 -9.16 -4.21 10.14
CA ALA A 98 -9.73 -5.12 9.12
C ALA A 98 -10.34 -6.37 9.80
N ARG A 99 -9.74 -6.86 10.89
CA ARG A 99 -10.28 -8.06 11.60
C ARG A 99 -11.62 -7.70 12.24
N LYS A 100 -11.72 -6.49 12.84
CA LYS A 100 -12.91 -5.98 13.60
C LYS A 100 -14.06 -5.70 12.61
N LEU A 101 -13.78 -4.99 11.51
CA LEU A 101 -14.78 -4.73 10.45
C LEU A 101 -15.28 -6.06 9.86
N SER A 102 -14.38 -6.99 9.54
CA SER A 102 -14.76 -8.32 9.02
C SER A 102 -15.79 -8.96 9.97
N ASP A 103 -15.49 -8.98 11.27
CA ASP A 103 -16.32 -9.65 12.33
C ASP A 103 -17.72 -9.01 12.34
N ARG A 104 -17.75 -7.68 12.33
CA ARG A 104 -19.00 -6.87 12.33
C ARG A 104 -19.83 -7.21 11.07
N PHE A 105 -19.24 -7.21 9.87
CA PHE A 105 -20.02 -7.41 8.62
C PHE A 105 -20.54 -8.85 8.55
N VAL A 106 -19.74 -9.84 8.97
CA VAL A 106 -20.10 -11.30 8.95
C VAL A 106 -21.29 -11.50 9.90
N SER A 107 -21.31 -10.83 11.05
CA SER A 107 -22.42 -10.90 12.02
C SER A 107 -23.70 -10.38 11.37
N HIS A 108 -23.63 -9.61 10.27
CA HIS A 108 -24.83 -9.02 9.63
C HIS A 108 -25.19 -9.79 8.37
N GLY A 109 -24.52 -10.92 8.14
CA GLY A 109 -24.85 -11.86 7.04
C GLY A 109 -24.04 -11.64 5.76
N ALA A 110 -23.02 -10.78 5.80
CA ALA A 110 -22.15 -10.45 4.63
C ALA A 110 -20.91 -11.35 4.62
N ARG A 111 -20.22 -11.46 3.48
CA ARG A 111 -18.85 -12.03 3.34
C ARG A 111 -17.86 -10.87 3.11
N TYR A 112 -16.61 -11.00 3.56
CA TYR A 112 -15.63 -9.88 3.62
C TYR A 112 -14.26 -10.28 3.10
N VAL A 113 -13.74 -9.48 2.16
CA VAL A 113 -12.30 -9.53 1.82
C VAL A 113 -11.76 -8.11 1.85
N HIS A 114 -10.56 -7.96 2.42
CA HIS A 114 -9.81 -6.68 2.47
C HIS A 114 -8.79 -6.66 1.32
N GLY A 115 -8.52 -5.47 0.77
CA GLY A 115 -7.46 -5.30 -0.24
C GLY A 115 -6.53 -4.12 0.07
N GLY A 116 -5.25 -4.28 -0.34
CA GLY A 116 -4.24 -3.21 -0.46
C GLY A 116 -3.93 -2.94 -1.93
N ILE A 117 -4.27 -1.72 -2.39
CA ILE A 117 -4.06 -1.30 -3.81
C ILE A 117 -2.61 -0.85 -3.96
N MET A 118 -1.80 -1.60 -4.68
CA MET A 118 -0.35 -1.27 -4.83
C MET A 118 -0.21 -0.57 -6.19
N ALA A 119 -0.58 0.70 -6.24
CA ALA A 119 -0.73 1.47 -7.48
C ALA A 119 -1.20 2.88 -7.17
N THR A 120 -0.77 3.81 -8.04
CA THR A 120 -1.38 5.15 -8.20
C THR A 120 -2.68 5.00 -8.99
N PRO A 121 -3.59 5.99 -8.90
CA PRO A 121 -4.79 6.02 -9.76
C PRO A 121 -4.54 5.75 -11.25
N SER A 122 -3.55 6.40 -11.85
CA SER A 122 -3.22 6.35 -13.30
C SER A 122 -2.78 4.93 -13.72
N MET A 123 -2.28 4.11 -12.79
CA MET A 123 -1.83 2.71 -13.05
C MET A 123 -3.03 1.75 -13.13
N ILE A 124 -4.21 2.15 -12.64
CA ILE A 124 -5.38 1.23 -12.58
C ILE A 124 -5.73 0.78 -14.02
N GLY A 125 -5.82 -0.53 -14.24
CA GLY A 125 -6.12 -1.12 -15.57
C GLY A 125 -4.87 -1.50 -16.37
N SER A 126 -3.68 -1.06 -15.96
CA SER A 126 -2.40 -1.35 -16.64
C SER A 126 -1.85 -2.66 -16.10
N PRO A 127 -0.97 -3.36 -16.84
CA PRO A 127 -0.33 -4.58 -16.34
C PRO A 127 0.59 -4.41 -15.12
N TYR A 128 0.91 -3.19 -14.71
CA TYR A 128 1.82 -2.90 -13.56
C TYR A 128 1.06 -2.77 -12.22
N ALA A 129 -0.27 -2.62 -12.23
CA ALA A 129 -1.06 -2.46 -11.00
C ALA A 129 -1.21 -3.82 -10.32
N LEU A 130 -1.15 -3.84 -9.00
CA LEU A 130 -1.32 -5.07 -8.18
C LEU A 130 -2.25 -4.75 -7.00
N VAL A 131 -3.20 -5.65 -6.70
CA VAL A 131 -3.99 -5.57 -5.43
C VAL A 131 -3.77 -6.84 -4.61
N LEU A 132 -3.44 -6.69 -3.32
CA LEU A 132 -3.33 -7.84 -2.37
C LEU A 132 -4.69 -8.01 -1.70
N TYR A 133 -5.16 -9.26 -1.55
CA TYR A 133 -6.48 -9.59 -0.95
C TYR A 133 -6.35 -10.68 0.11
N SER A 134 -7.19 -10.60 1.13
CA SER A 134 -7.25 -11.63 2.20
C SER A 134 -8.62 -11.60 2.88
N GLY A 135 -9.06 -12.76 3.38
CA GLY A 135 -10.35 -12.95 4.08
C GLY A 135 -11.15 -14.05 3.41
N SER A 136 -12.45 -13.82 3.15
CA SER A 136 -13.34 -14.89 2.66
C SER A 136 -12.84 -15.44 1.32
N PRO A 137 -12.42 -16.72 1.25
CA PRO A 137 -11.96 -17.30 0.00
C PRO A 137 -13.04 -17.62 -1.04
N ASP A 138 -14.24 -17.99 -0.62
CA ASP A 138 -15.39 -18.21 -1.54
C ASP A 138 -15.71 -16.87 -2.22
N ALA A 139 -15.74 -15.79 -1.42
CA ALA A 139 -16.02 -14.40 -1.88
C ALA A 139 -14.96 -13.95 -2.90
N PHE A 140 -13.68 -14.07 -2.57
CA PHE A 140 -12.59 -13.77 -3.51
C PHE A 140 -12.79 -14.61 -4.79
N LYS A 141 -13.02 -15.92 -4.67
CA LYS A 141 -13.10 -16.80 -5.88
C LYS A 141 -14.23 -16.32 -6.83
N ALA A 142 -15.39 -15.91 -6.32
CA ALA A 142 -16.56 -15.49 -7.13
C ALA A 142 -16.39 -14.07 -7.70
N ALA A 143 -15.57 -13.24 -7.06
CA ALA A 143 -15.38 -11.81 -7.42
C ALA A 143 -14.17 -11.59 -8.35
N GLU A 144 -13.29 -12.59 -8.47
CA GLU A 144 -11.91 -12.38 -9.03
C GLU A 144 -12.03 -11.96 -10.51
N GLY A 145 -12.97 -12.55 -11.25
CA GLY A 145 -13.23 -12.25 -12.67
C GLY A 145 -13.53 -10.78 -12.88
N ASP A 146 -14.23 -10.17 -11.91
CA ASP A 146 -14.54 -8.72 -11.91
C ASP A 146 -13.31 -7.94 -11.42
N LEU A 147 -12.72 -8.32 -10.29
CA LEU A 147 -11.59 -7.56 -9.70
C LEU A 147 -10.37 -7.56 -10.65
N SER A 148 -10.18 -8.57 -11.48
CA SER A 148 -9.00 -8.67 -12.37
C SER A 148 -9.06 -7.60 -13.50
N VAL A 149 -10.16 -6.84 -13.70
CA VAL A 149 -10.11 -5.75 -14.74
C VAL A 149 -9.32 -4.57 -14.18
N LEU A 150 -9.12 -4.49 -12.87
CA LEU A 150 -8.42 -3.35 -12.23
C LEU A 150 -6.89 -3.55 -12.24
N ALA A 151 -6.41 -4.78 -12.08
CA ALA A 151 -5.04 -5.09 -11.62
C ALA A 151 -4.86 -6.59 -11.49
N LYS A 152 -3.59 -7.03 -11.47
CA LYS A 152 -3.22 -8.39 -11.01
C LYS A 152 -3.81 -8.58 -9.61
N CYS A 153 -4.38 -9.77 -9.35
CA CYS A 153 -4.94 -10.21 -8.04
C CYS A 153 -3.99 -11.17 -7.33
N VAL A 154 -3.60 -10.86 -6.08
CA VAL A 154 -2.82 -11.79 -5.22
C VAL A 154 -3.63 -12.03 -3.94
N PHE A 155 -4.18 -13.24 -3.80
CA PHE A 155 -4.89 -13.68 -2.57
C PHE A 155 -3.89 -14.33 -1.62
N LEU A 156 -3.78 -13.84 -0.39
CA LEU A 156 -2.82 -14.54 0.50
C LEU A 156 -3.45 -14.98 1.83
N GLY A 157 -4.66 -15.57 1.79
CA GLY A 157 -5.22 -16.38 2.89
C GLY A 157 -6.43 -15.75 3.58
N GLU A 158 -6.95 -16.47 4.58
CA GLU A 158 -8.31 -16.33 5.17
C GLU A 158 -8.38 -15.24 6.23
N ASP A 159 -7.25 -14.87 6.83
CA ASP A 159 -7.21 -13.79 7.85
C ASP A 159 -7.44 -12.45 7.13
N ALA A 160 -8.47 -11.72 7.55
CA ALA A 160 -8.93 -10.47 6.92
C ALA A 160 -7.86 -9.38 7.08
N GLY A 161 -6.80 -9.61 7.86
CA GLY A 161 -5.79 -8.58 8.17
C GLY A 161 -4.46 -8.82 7.46
N THR A 162 -4.23 -10.00 6.87
CA THR A 162 -2.95 -10.35 6.20
C THR A 162 -2.66 -9.32 5.08
N ALA A 163 -3.70 -8.91 4.33
CA ALA A 163 -3.58 -8.01 3.16
C ALA A 163 -3.09 -6.65 3.63
N SER A 164 -3.64 -6.11 4.72
CA SER A 164 -3.22 -4.79 5.23
C SER A 164 -1.78 -4.87 5.76
N LEU A 165 -1.36 -6.01 6.34
CA LEU A 165 0.02 -6.16 6.89
C LEU A 165 1.02 -6.02 5.74
N HIS A 166 0.79 -6.74 4.64
CA HIS A 166 1.64 -6.71 3.43
C HIS A 166 1.64 -5.30 2.83
N ASP A 167 0.49 -4.63 2.81
CA ASP A 167 0.31 -3.30 2.20
C ASP A 167 1.22 -2.33 2.97
N LEU A 168 1.04 -2.23 4.28
CA LEU A 168 1.86 -1.36 5.16
C LEU A 168 3.35 -1.74 5.06
N ALA A 169 3.70 -3.01 4.99
CA ALA A 169 5.11 -3.41 4.79
C ALA A 169 5.65 -2.75 3.51
N LEU A 170 4.98 -2.89 2.37
CA LEU A 170 5.47 -2.37 1.07
C LEU A 170 5.57 -0.84 1.11
N LEU A 171 4.67 -0.17 1.83
CA LEU A 171 4.69 1.31 1.96
C LEU A 171 5.87 1.77 2.84
N SER A 172 6.27 0.98 3.83
CA SER A 172 7.43 1.30 4.70
C SER A 172 8.70 1.12 3.85
N GLY A 173 8.69 0.19 2.88
CA GLY A 173 9.76 0.10 1.88
C GLY A 173 9.88 1.38 1.04
N MET A 174 8.78 1.80 0.42
CA MET A 174 8.64 3.06 -0.36
C MET A 174 9.16 4.24 0.45
N TYR A 175 8.80 4.37 1.72
CA TYR A 175 9.18 5.57 2.53
C TYR A 175 10.68 5.57 2.82
N GLY A 176 11.31 4.39 2.92
CA GLY A 176 12.78 4.30 3.00
C GLY A 176 13.43 4.86 1.74
N LEU A 177 12.96 4.38 0.58
CA LEU A 177 13.42 4.83 -0.76
C LEU A 177 13.28 6.36 -0.85
N PHE A 178 12.14 6.92 -0.42
CA PHE A 178 11.84 8.38 -0.55
C PHE A 178 12.75 9.16 0.40
N SER A 179 13.01 8.61 1.60
CA SER A 179 13.95 9.16 2.59
C SER A 179 15.33 9.27 1.95
N GLY A 180 15.75 8.20 1.25
CA GLY A 180 17.03 8.15 0.51
C GLY A 180 17.08 9.22 -0.58
N PHE A 181 16.01 9.29 -1.38
CA PHE A 181 15.90 10.26 -2.50
C PHE A 181 16.05 11.69 -1.99
N LEU A 182 15.41 12.01 -0.85
CA LEU A 182 15.40 13.36 -0.25
C LEU A 182 16.80 13.69 0.31
N HIS A 183 17.39 12.82 1.13
CA HIS A 183 18.75 13.02 1.75
C HIS A 183 19.76 13.24 0.62
N ALA A 184 19.67 12.46 -0.45
CA ALA A 184 20.62 12.45 -1.59
C ALA A 184 20.47 13.73 -2.42
N THR A 185 19.24 14.05 -2.84
CA THR A 185 18.95 15.26 -3.68
C THR A 185 19.33 16.53 -2.92
N ALA A 186 19.15 16.57 -1.61
CA ALA A 186 19.47 17.76 -0.80
C ALA A 186 20.99 17.95 -0.71
N LEU A 187 21.72 16.88 -0.37
CA LEU A 187 23.18 16.92 -0.13
C LEU A 187 23.93 17.51 -1.34
N VAL A 188 23.40 17.31 -2.54
CA VAL A 188 24.09 17.55 -3.83
C VAL A 188 23.52 18.79 -4.53
N ARG A 189 22.40 19.34 -4.02
CA ARG A 189 21.65 20.49 -4.58
C ARG A 189 22.57 21.67 -4.96
N SER A 190 23.51 22.04 -4.08
CA SER A 190 24.49 23.16 -4.25
C SER A 190 25.32 23.00 -5.54
N SER A 191 25.56 21.77 -6.00
CA SER A 191 26.46 21.44 -7.15
C SER A 191 25.66 21.03 -8.41
N THR A 192 24.65 20.15 -8.29
CA THR A 192 23.87 19.70 -9.48
C THR A 192 22.37 19.74 -9.19
N PRO A 193 21.57 20.17 -10.20
CA PRO A 193 20.11 20.12 -10.08
C PRO A 193 19.54 18.69 -10.01
N ALA A 194 18.41 18.53 -9.31
CA ALA A 194 17.72 17.24 -9.04
C ALA A 194 17.58 16.40 -10.31
N VAL A 195 17.16 16.99 -11.43
CA VAL A 195 16.82 16.19 -12.65
C VAL A 195 18.09 15.59 -13.24
N LYS A 196 19.20 16.35 -13.27
CA LYS A 196 20.50 15.90 -13.84
C LYS A 196 21.04 14.77 -12.96
N PHE A 197 20.95 14.93 -11.64
CA PHE A 197 21.40 13.95 -10.61
C PHE A 197 20.72 12.60 -10.82
N MET A 198 19.41 12.61 -11.16
CA MET A 198 18.66 11.38 -11.44
C MET A 198 19.42 10.49 -12.44
N ASP A 199 20.27 11.06 -13.31
CA ASP A 199 21.08 10.28 -14.30
C ASP A 199 22.01 9.33 -13.54
N LEU A 200 22.49 9.73 -12.35
CA LEU A 200 23.34 8.89 -11.46
C LEU A 200 22.48 8.11 -10.46
N LEU A 201 21.45 8.70 -9.85
CA LEU A 201 20.74 8.06 -8.70
C LEU A 201 19.93 6.85 -9.19
N VAL A 202 19.23 6.96 -10.30
CA VAL A 202 18.25 5.90 -10.68
C VAL A 202 18.98 4.59 -10.96
N PRO A 203 20.01 4.52 -11.84
CA PRO A 203 20.77 3.27 -12.06
C PRO A 203 21.41 2.70 -10.77
N TRP A 204 21.90 3.56 -9.87
CA TRP A 204 22.50 3.14 -8.58
C TRP A 204 21.44 2.48 -7.68
N LEU A 205 20.25 3.06 -7.55
CA LEU A 205 19.13 2.43 -6.80
C LEU A 205 18.68 1.12 -7.47
N GLY A 206 18.74 1.00 -8.78
CA GLY A 206 18.44 -0.29 -9.47
C GLY A 206 19.46 -1.36 -9.10
N ALA A 207 20.76 -1.03 -9.10
CA ALA A 207 21.88 -1.91 -8.71
C ALA A 207 21.73 -2.31 -7.25
N MET A 208 21.35 -1.40 -6.34
CA MET A 208 21.24 -1.72 -4.90
C MET A 208 19.92 -2.45 -4.59
N THR A 209 18.88 -2.24 -5.40
CA THR A 209 17.62 -3.03 -5.30
C THR A 209 17.96 -4.49 -5.63
N GLU A 210 18.73 -4.72 -6.69
CA GLU A 210 19.23 -6.08 -7.04
C GLU A 210 20.01 -6.67 -5.84
N TYR A 211 20.85 -5.89 -5.17
CA TYR A 211 21.68 -6.33 -4.01
C TYR A 211 20.78 -6.79 -2.86
N THR A 212 19.57 -6.24 -2.67
CA THR A 212 18.66 -6.68 -1.57
C THR A 212 18.21 -8.14 -1.77
N LYS A 213 18.12 -8.66 -3.00
CA LYS A 213 17.77 -10.09 -3.22
C LYS A 213 18.78 -10.95 -2.41
N GLY A 214 20.07 -10.72 -2.63
CA GLY A 214 21.17 -11.38 -1.90
C GLY A 214 20.98 -11.28 -0.39
N MET A 215 20.58 -10.12 0.13
CA MET A 215 20.39 -9.90 1.59
C MET A 215 19.22 -10.74 2.13
N ALA A 216 18.18 -10.93 1.31
CA ALA A 216 16.98 -11.68 1.74
C ALA A 216 17.35 -13.15 1.88
N LYS A 217 18.16 -13.70 0.95
CA LYS A 217 18.69 -15.09 0.99
C LYS A 217 19.48 -15.29 2.29
N GLN A 218 20.33 -14.33 2.66
CA GLN A 218 21.11 -14.35 3.92
C GLN A 218 20.17 -14.39 5.13
N ILE A 219 19.01 -13.75 5.08
CA ILE A 219 18.14 -13.61 6.29
C ILE A 219 17.46 -14.96 6.54
N ASP A 220 17.13 -15.68 5.46
CA ASP A 220 16.33 -16.94 5.53
C ASP A 220 17.26 -18.11 5.87
N GLU A 221 18.51 -18.08 5.38
CA GLU A 221 19.59 -19.05 5.72
C GLU A 221 20.09 -18.80 7.15
N GLY A 222 20.06 -17.56 7.66
CA GLY A 222 20.69 -17.15 8.94
C GLY A 222 22.21 -16.97 8.83
N LYS A 223 22.77 -16.97 7.60
CA LYS A 223 24.22 -16.78 7.27
C LYS A 223 24.74 -15.46 7.86
N TYR A 224 24.82 -14.38 7.05
CA TYR A 224 25.28 -13.00 7.41
C TYR A 224 26.76 -12.76 7.08
N THR A 225 27.66 -13.73 7.31
CA THR A 225 29.15 -13.62 7.16
C THR A 225 29.50 -13.21 5.71
N SER A 226 30.15 -12.04 5.54
CA SER A 226 30.65 -11.45 4.27
C SER A 226 29.77 -11.89 3.08
N SER A 229 33.13 -5.70 2.54
CA SER A 229 32.65 -4.57 3.38
C SER A 229 31.64 -5.08 4.43
N ASN A 230 31.79 -4.65 5.69
CA ASN A 230 31.05 -5.17 6.87
C ASN A 230 30.50 -3.99 7.69
N LEU A 231 29.81 -4.27 8.80
CA LEU A 231 29.17 -3.25 9.68
C LEU A 231 30.19 -2.17 10.09
N ALA A 232 31.35 -2.59 10.59
CA ALA A 232 32.41 -1.71 11.14
C ALA A 232 32.77 -0.62 10.14
N MET A 233 33.15 -1.01 8.91
CA MET A 233 33.57 -0.07 7.83
C MET A 233 32.39 0.81 7.42
N GLN A 234 31.16 0.32 7.56
CA GLN A 234 29.94 1.02 7.08
C GLN A 234 29.56 2.12 8.08
N LEU A 235 29.74 1.89 9.37
CA LEU A 235 29.53 2.93 10.42
C LEU A 235 30.44 4.16 10.20
N VAL A 236 31.66 3.98 9.68
CA VAL A 236 32.59 5.11 9.38
C VAL A 236 32.08 5.78 8.10
N GLY A 237 31.55 4.99 7.16
CA GLY A 237 30.84 5.46 5.96
C GLY A 237 29.65 6.34 6.35
N ILE A 238 28.84 5.92 7.32
CA ILE A 238 27.66 6.70 7.79
C ILE A 238 28.14 8.02 8.44
N GLN A 239 29.23 8.01 9.22
CA GLN A 239 29.77 9.23 9.88
C GLN A 239 30.21 10.26 8.83
N ASN A 240 30.83 9.80 7.76
CA ASN A 240 31.23 10.68 6.63
C ASN A 240 29.98 11.39 6.09
N ILE A 241 28.85 10.68 5.96
CA ILE A 241 27.60 11.21 5.33
C ILE A 241 27.06 12.29 6.26
N ILE A 242 27.02 11.96 7.54
CA ILE A 242 26.62 12.89 8.63
C ILE A 242 27.51 14.15 8.60
N ASP A 243 28.84 13.98 8.65
CA ASP A 243 29.82 15.12 8.67
C ASP A 243 29.64 15.96 7.40
N ALA A 244 29.51 15.32 6.24
CA ALA A 244 29.31 16.00 4.95
C ALA A 244 27.96 16.73 4.98
N SER A 245 26.93 16.09 5.54
CA SER A 245 25.56 16.64 5.67
C SER A 245 25.62 17.97 6.44
N GLU A 246 26.21 17.97 7.65
CA GLU A 246 26.31 19.19 8.49
C GLU A 246 27.04 20.28 7.68
N ALA A 247 28.15 19.95 7.00
CA ALA A 247 28.96 20.94 6.25
C ALA A 247 28.16 21.52 5.06
N GLN A 248 27.17 20.81 4.50
CA GLN A 248 26.33 21.39 3.40
C GLN A 248 25.12 22.14 3.98
N GLN A 249 24.89 22.08 5.31
CA GLN A 249 23.71 22.68 5.99
C GLN A 249 22.47 21.89 5.57
N VAL A 250 22.57 20.58 5.69
CA VAL A 250 21.55 19.58 5.30
C VAL A 250 21.35 18.65 6.51
N SER A 251 20.10 18.39 6.89
CA SER A 251 19.76 17.49 8.01
C SER A 251 20.23 16.07 7.70
N ALA A 252 20.73 15.37 8.72
CA ALA A 252 21.16 13.96 8.69
C ALA A 252 20.16 13.04 9.40
N GLU A 253 18.99 13.55 9.79
CA GLU A 253 18.03 12.79 10.68
C GLU A 253 17.68 11.44 10.04
N PHE A 254 17.44 11.42 8.72
CA PHE A 254 17.06 10.25 7.90
C PHE A 254 17.96 9.05 8.08
N ILE A 255 19.27 9.21 8.36
CA ILE A 255 20.25 8.08 8.44
C ILE A 255 20.58 7.73 9.89
N ARG A 256 20.11 8.52 10.87
CA ARG A 256 20.39 8.32 12.33
C ARG A 256 19.82 6.98 12.82
N PRO A 257 18.57 6.60 12.47
CA PRO A 257 18.03 5.30 12.89
C PRO A 257 18.92 4.13 12.44
N MET A 258 19.42 4.14 11.20
CA MET A 258 20.30 3.05 10.70
C MET A 258 21.61 3.05 11.47
N LYS A 259 22.16 4.23 11.79
CA LYS A 259 23.35 4.39 12.69
C LYS A 259 23.08 3.61 14.00
N GLU A 260 22.01 3.93 14.74
CA GLU A 260 21.67 3.29 16.05
C GLU A 260 21.64 1.76 15.87
N PHE A 261 20.96 1.22 14.85
CA PHE A 261 20.82 -0.26 14.69
C PHE A 261 22.20 -0.89 14.39
N MET A 262 23.06 -0.18 13.68
CA MET A 262 24.38 -0.75 13.32
C MET A 262 25.24 -0.82 14.59
N GLN A 263 25.17 0.21 15.45
CA GLN A 263 25.84 0.24 16.79
C GLN A 263 25.36 -0.93 17.65
N LYS A 264 24.05 -1.02 17.93
CA LYS A 264 23.52 -2.12 18.80
C LYS A 264 24.10 -3.46 18.30
N ALA A 265 24.24 -3.68 16.99
CA ALA A 265 24.70 -4.96 16.39
C ALA A 265 26.21 -5.21 16.59
N VAL A 266 27.09 -4.21 16.47
CA VAL A 266 28.55 -4.42 16.73
C VAL A 266 28.73 -4.74 18.21
N ALA A 267 28.00 -4.07 19.12
CA ALA A 267 28.01 -4.30 20.60
C ALA A 267 27.81 -5.79 20.89
N ALA A 268 26.79 -6.43 20.31
CA ALA A 268 26.55 -7.90 20.36
C ALA A 268 27.43 -8.63 19.34
N GLY A 269 28.61 -8.07 19.03
CA GLY A 269 29.71 -8.70 18.28
C GLY A 269 29.40 -9.00 16.83
N HIS A 270 28.75 -8.09 16.08
CA HIS A 270 28.33 -8.37 14.68
C HIS A 270 29.14 -7.59 13.65
N GLY A 271 30.19 -6.87 14.09
CA GLY A 271 31.00 -5.91 13.30
C GLY A 271 31.58 -6.50 12.04
N GLY A 272 31.75 -7.83 11.99
CA GLY A 272 32.30 -8.53 10.81
C GLY A 272 31.22 -9.08 9.89
N ASP A 273 29.93 -9.01 10.29
CA ASP A 273 28.78 -9.53 9.50
C ASP A 273 28.21 -8.44 8.57
N ASP A 274 27.32 -8.82 7.64
CA ASP A 274 26.70 -7.95 6.60
C ASP A 274 25.47 -7.21 7.17
N ILE A 275 24.86 -6.34 6.36
CA ILE A 275 23.70 -5.46 6.72
C ILE A 275 22.44 -6.33 6.97
N SER A 276 22.31 -7.45 6.27
CA SER A 276 21.27 -8.49 6.51
C SER A 276 21.15 -8.81 8.01
N SER A 277 22.27 -8.77 8.74
CA SER A 277 22.36 -9.16 10.18
C SER A 277 21.48 -8.27 11.06
N LEU A 278 21.06 -7.09 10.57
CA LEU A 278 20.28 -6.12 11.37
C LEU A 278 18.82 -6.58 11.55
N ILE A 279 18.38 -7.61 10.81
CA ILE A 279 16.96 -8.07 10.83
C ILE A 279 16.52 -8.43 12.28
N ASP A 280 17.41 -9.04 13.08
CA ASP A 280 17.08 -9.46 14.48
C ASP A 280 17.04 -8.26 15.44
N PHE A 281 17.59 -7.10 15.06
CA PHE A 281 17.71 -5.90 15.94
C PHE A 281 16.53 -4.95 15.75
N VAL A 282 15.69 -5.16 14.73
CA VAL A 282 14.53 -4.28 14.45
C VAL A 282 13.26 -4.84 15.13
N LYS A 283 13.34 -6.06 15.70
CA LYS A 283 12.40 -6.64 16.72
C LYS A 283 12.62 -5.93 18.08
#